data_2WTE
#
_entry.id   2WTE
#
_cell.length_a   53.426
_cell.length_b   89.853
_cell.length_c   102.577
_cell.angle_alpha   90.00
_cell.angle_beta   90.00
_cell.angle_gamma   90.00
#
_symmetry.space_group_name_H-M   'P 21 21 21'
#
loop_
_entity.id
_entity.type
_entity.pdbx_description
1 polymer CSA3
2 non-polymer DI(HYDROXYETHYL)ETHER
3 water water
#
_entity_poly.entity_id   1
_entity_poly.type   'polypeptide(L)'
_entity_poly.pdbx_seq_one_letter_code
;(MSE)HHHHHH(MSE)KSYFVT(MSE)GFNETFLLRLLNETSAQKEDSLVIVVPSPIVSGTRAAIESLRAQISRLNYPPP
RIYEIEITDFNLALSKILDIILTLPEPIISDLT(MSE)G(MSE)R(MSE)INTLILLGIIVSRKRFTVYVRDEGGGSRVI
SFNDNTIRAL(MSE)RDYSREE(MSE)KLLNVLYETKGTGITELAK(MSE)LDKSEKTLINKIAELKKFGILTQKGKDRK
VELNELGLNVIKLNKSVIESSKSSEELVKENKGKEVNIPY
;
_entity_poly.pdbx_strand_id   A,B
#
loop_
_chem_comp.id
_chem_comp.type
_chem_comp.name
_chem_comp.formula
PEG non-polymer DI(HYDROXYETHYL)ETHER 'C4 H10 O3'
#
# COMPACT_ATOMS: atom_id res chain seq x y z
N MSE A 8 12.30 -18.52 -11.88
CA MSE A 8 12.74 -17.09 -11.91
C MSE A 8 11.81 -16.21 -11.12
O MSE A 8 10.65 -16.55 -10.90
CB MSE A 8 12.79 -16.57 -13.34
CG MSE A 8 11.49 -16.76 -14.11
SE MSE A 8 11.62 -16.06 -15.92
CE MSE A 8 12.19 -14.24 -15.47
N LYS A 9 12.32 -15.06 -10.72
CA LYS A 9 11.56 -14.07 -9.97
C LYS A 9 11.77 -12.75 -10.67
N SER A 10 11.09 -11.70 -10.21
N SER A 10 11.10 -11.69 -10.23
CA SER A 10 11.19 -10.39 -10.83
CA SER A 10 11.19 -10.40 -10.87
C SER A 10 11.61 -9.35 -9.82
C SER A 10 11.48 -9.28 -9.87
N TYR A 11 12.16 -8.25 -10.35
CA TYR A 11 12.43 -7.03 -9.59
C TYR A 11 11.72 -5.90 -10.32
N PHE A 12 11.04 -5.03 -9.59
CA PHE A 12 10.37 -3.91 -10.23
C PHE A 12 10.56 -2.69 -9.37
N VAL A 13 11.30 -1.72 -9.89
CA VAL A 13 11.65 -0.54 -9.10
C VAL A 13 11.58 0.72 -9.99
N THR A 14 11.67 1.89 -9.36
CA THR A 14 11.97 3.09 -10.13
C THR A 14 13.43 3.44 -9.86
N MSE A 15 13.90 4.61 -10.27
CA MSE A 15 15.27 4.99 -10.06
C MSE A 15 15.33 6.52 -10.02
O MSE A 15 14.63 7.17 -10.77
CB MSE A 15 16.15 4.47 -11.21
CG MSE A 15 17.53 5.03 -11.23
SE MSE A 15 18.45 4.14 -9.80
CE MSE A 15 18.93 2.70 -10.94
N GLY A 16 16.19 7.05 -9.16
CA GLY A 16 16.52 8.48 -9.16
C GLY A 16 17.95 8.63 -9.61
N PHE A 17 18.77 9.33 -8.82
CA PHE A 17 20.16 9.62 -9.20
C PHE A 17 21.18 8.70 -8.56
N ASN A 18 20.70 7.71 -7.80
CA ASN A 18 21.58 6.83 -7.03
C ASN A 18 21.17 5.39 -7.20
N GLU A 19 22.02 4.64 -7.89
CA GLU A 19 21.79 3.20 -8.15
C GLU A 19 22.15 2.27 -6.99
N THR A 20 22.71 2.81 -5.93
CA THR A 20 23.27 2.01 -4.86
C THR A 20 22.24 1.09 -4.21
N PHE A 21 21.03 1.59 -3.99
CA PHE A 21 20.03 0.80 -3.28
C PHE A 21 19.57 -0.39 -4.10
N LEU A 22 19.48 -0.23 -5.42
CA LEU A 22 19.08 -1.33 -6.30
C LEU A 22 20.13 -2.40 -6.31
N LEU A 23 21.40 -2.00 -6.39
CA LEU A 23 22.48 -2.98 -6.35
C LEU A 23 22.50 -3.75 -5.02
N ARG A 24 22.20 -3.06 -3.93
CA ARG A 24 22.11 -3.68 -2.63
C ARG A 24 20.95 -4.68 -2.63
N LEU A 25 19.81 -4.28 -3.18
CA LEU A 25 18.65 -5.18 -3.26
C LEU A 25 19.00 -6.45 -4.04
N LEU A 26 19.62 -6.26 -5.19
CA LEU A 26 19.96 -7.38 -6.05
C LEU A 26 20.92 -8.35 -5.33
N ASN A 27 21.88 -7.78 -4.62
CA ASN A 27 22.85 -8.59 -3.86
C ASN A 27 22.18 -9.38 -2.73
N GLU A 28 21.37 -8.68 -1.93
CA GLU A 28 20.73 -9.25 -0.76
C GLU A 28 19.68 -10.32 -1.05
N THR A 29 19.09 -10.26 -2.23
CA THR A 29 18.03 -11.21 -2.59
C THR A 29 18.49 -12.19 -3.67
N SER A 30 19.80 -12.33 -3.84
CA SER A 30 20.35 -13.37 -4.70
C SER A 30 19.79 -13.31 -6.12
N ALA A 31 19.82 -12.12 -6.70
CA ALA A 31 19.44 -11.89 -8.09
C ALA A 31 20.20 -12.82 -9.02
N GLN A 32 19.48 -13.45 -9.94
CA GLN A 32 20.07 -14.31 -10.95
C GLN A 32 19.93 -13.64 -12.31
N LYS A 33 20.86 -13.97 -13.21
CA LYS A 33 20.83 -13.45 -14.58
C LYS A 33 19.47 -13.68 -15.25
N GLU A 34 18.79 -14.78 -14.91
CA GLU A 34 17.52 -15.15 -15.54
C GLU A 34 16.29 -14.46 -14.96
N ASP A 35 16.46 -13.77 -13.84
CA ASP A 35 15.38 -13.00 -13.22
C ASP A 35 15.02 -11.82 -14.12
N SER A 36 13.80 -11.33 -14.00
CA SER A 36 13.32 -10.20 -14.79
C SER A 36 13.50 -8.94 -13.99
N LEU A 37 14.33 -8.01 -14.44
CA LEU A 37 14.46 -6.72 -13.77
C LEU A 37 13.81 -5.63 -14.66
N VAL A 38 12.82 -4.93 -14.12
CA VAL A 38 12.17 -3.83 -14.84
C VAL A 38 12.29 -2.57 -13.99
N ILE A 39 12.68 -1.47 -14.64
CA ILE A 39 12.82 -0.17 -13.98
C ILE A 39 11.96 0.84 -14.75
N VAL A 40 11.13 1.58 -14.04
CA VAL A 40 10.32 2.60 -14.66
C VAL A 40 10.84 3.94 -14.15
N VAL A 41 11.01 4.89 -15.05
CA VAL A 41 11.53 6.19 -14.68
C VAL A 41 10.62 7.26 -15.24
N PRO A 42 10.64 8.45 -14.63
CA PRO A 42 9.77 9.49 -15.17
C PRO A 42 10.28 10.00 -16.51
N SER A 43 9.35 10.45 -17.34
CA SER A 43 9.66 11.07 -18.63
C SER A 43 9.41 12.57 -18.50
N PRO A 44 10.37 13.40 -18.99
CA PRO A 44 11.62 13.06 -19.68
C PRO A 44 12.74 12.57 -18.74
N ILE A 45 13.64 11.76 -19.28
CA ILE A 45 14.73 11.23 -18.45
C ILE A 45 15.76 12.34 -18.23
N VAL A 46 15.97 12.71 -16.98
CA VAL A 46 16.93 13.79 -16.63
C VAL A 46 18.36 13.23 -16.56
N SER A 47 19.35 14.08 -16.83
CA SER A 47 20.75 13.64 -16.88
C SER A 47 21.20 12.84 -15.63
N GLY A 48 20.79 13.28 -14.43
CA GLY A 48 21.17 12.58 -13.19
C GLY A 48 20.73 11.13 -13.19
N THR A 49 19.50 10.90 -13.65
CA THR A 49 18.95 9.56 -13.80
C THR A 49 19.61 8.78 -14.95
N ARG A 50 19.85 9.45 -16.07
CA ARG A 50 20.56 8.84 -17.20
C ARG A 50 21.95 8.33 -16.75
N ALA A 51 22.68 9.14 -15.99
CA ALA A 51 23.98 8.73 -15.46
C ALA A 51 23.90 7.52 -14.52
N ALA A 52 22.93 7.55 -13.61
CA ALA A 52 22.69 6.46 -12.66
C ALA A 52 22.37 5.16 -13.38
N ILE A 53 21.56 5.25 -14.43
CA ILE A 53 21.19 4.07 -15.23
C ILE A 53 22.43 3.52 -15.94
N GLU A 54 23.27 4.38 -16.49
CA GLU A 54 24.44 3.86 -17.20
C GLU A 54 25.41 3.19 -16.24
N SER A 55 25.58 3.77 -15.06
CA SER A 55 26.41 3.18 -14.01
C SER A 55 25.84 1.83 -13.59
N LEU A 56 24.53 1.79 -13.36
CA LEU A 56 23.86 0.56 -12.98
C LEU A 56 24.07 -0.52 -14.01
N ARG A 57 23.85 -0.18 -15.29
CA ARG A 57 23.98 -1.16 -16.38
C ARG A 57 25.38 -1.76 -16.42
N ALA A 58 26.38 -0.91 -16.25
CA ALA A 58 27.80 -1.36 -16.25
C ALA A 58 28.06 -2.33 -15.10
N GLN A 59 27.61 -1.96 -13.90
CA GLN A 59 27.77 -2.80 -12.72
C GLN A 59 26.98 -4.12 -12.83
N ILE A 60 25.73 -4.07 -13.32
CA ILE A 60 24.95 -5.30 -13.53
C ILE A 60 25.70 -6.28 -14.46
N SER A 61 26.29 -5.79 -15.54
CA SER A 61 27.02 -6.65 -16.47
C SER A 61 28.18 -7.37 -15.80
N ARG A 62 28.93 -6.61 -15.00
CA ARG A 62 30.09 -7.12 -14.29
C ARG A 62 29.71 -8.20 -13.27
N LEU A 63 28.55 -8.04 -12.64
CA LEU A 63 28.12 -8.91 -11.55
C LEU A 63 27.23 -10.07 -12.01
N ASN A 64 27.02 -10.16 -13.33
CA ASN A 64 26.16 -11.18 -13.93
C ASN A 64 24.74 -11.14 -13.37
N TYR A 65 24.23 -9.92 -13.17
CA TYR A 65 22.90 -9.68 -12.65
C TYR A 65 21.93 -9.61 -13.82
N PRO A 66 20.62 -9.61 -13.53
CA PRO A 66 19.65 -9.52 -14.61
C PRO A 66 19.72 -8.18 -15.33
N PRO A 67 19.84 -8.19 -16.66
CA PRO A 67 19.87 -6.91 -17.39
C PRO A 67 18.53 -6.20 -17.38
N PRO A 68 18.51 -4.89 -17.04
CA PRO A 68 17.22 -4.20 -16.88
C PRO A 68 16.51 -3.85 -18.16
N ARG A 69 15.18 -4.01 -18.14
CA ARG A 69 14.31 -3.41 -19.14
CA ARG A 69 14.29 -3.43 -19.13
C ARG A 69 13.82 -2.10 -18.55
N ILE A 70 14.15 -0.99 -19.20
CA ILE A 70 13.84 0.31 -18.64
C ILE A 70 12.78 1.02 -19.47
N TYR A 71 11.74 1.50 -18.77
CA TYR A 71 10.60 2.15 -19.42
C TYR A 71 10.43 3.56 -18.87
N GLU A 72 10.15 4.53 -19.74
CA GLU A 72 9.83 5.84 -19.18
C GLU A 72 8.32 6.03 -19.19
N ILE A 73 7.82 6.74 -18.18
CA ILE A 73 6.40 6.94 -17.99
C ILE A 73 6.11 8.39 -17.61
N GLU A 74 5.03 8.95 -18.15
CA GLU A 74 4.54 10.24 -17.75
C GLU A 74 3.49 10.04 -16.66
N ILE A 75 3.61 10.78 -15.55
CA ILE A 75 2.85 10.58 -14.30
C ILE A 75 2.10 11.87 -13.98
N THR A 76 0.82 11.89 -14.30
CA THR A 76 -0.01 13.07 -14.10
C THR A 76 -1.35 12.82 -13.43
N ASP A 77 -1.81 11.57 -13.42
CA ASP A 77 -3.11 11.21 -12.91
C ASP A 77 -3.02 9.82 -12.33
N PHE A 78 -3.71 9.59 -11.23
CA PHE A 78 -3.60 8.31 -10.56
C PHE A 78 -3.92 7.14 -11.49
N ASN A 79 -5.11 7.17 -12.08
CA ASN A 79 -5.58 5.96 -12.80
C ASN A 79 -4.86 5.75 -14.13
N LEU A 80 -4.57 6.85 -14.85
CA LEU A 80 -3.81 6.77 -16.11
C LEU A 80 -2.44 6.16 -15.87
N ALA A 81 -1.78 6.60 -14.81
CA ALA A 81 -0.44 6.12 -14.51
C ALA A 81 -0.47 4.68 -13.96
N LEU A 82 -1.45 4.37 -13.11
CA LEU A 82 -1.60 3.03 -12.58
C LEU A 82 -1.83 2.03 -13.72
N SER A 83 -2.56 2.44 -14.77
CA SER A 83 -2.81 1.61 -15.93
C SER A 83 -1.50 1.15 -16.56
N LYS A 84 -0.56 2.07 -16.71
CA LYS A 84 0.74 1.76 -17.29
C LYS A 84 1.56 0.85 -16.38
N ILE A 85 1.50 1.08 -15.07
CA ILE A 85 2.20 0.30 -14.07
C ILE A 85 1.65 -1.13 -14.03
N LEU A 86 0.31 -1.25 -14.11
CA LEU A 86 -0.32 -2.57 -14.18
C LEU A 86 0.06 -3.35 -15.43
N ASP A 87 0.11 -2.67 -16.57
CA ASP A 87 0.57 -3.29 -17.83
C ASP A 87 1.93 -3.98 -17.65
N ILE A 88 2.83 -3.34 -16.89
CA ILE A 88 4.11 -3.97 -16.55
C ILE A 88 3.91 -5.13 -15.56
N ILE A 89 3.26 -4.85 -14.44
CA ILE A 89 3.15 -5.82 -13.33
C ILE A 89 2.49 -7.12 -13.74
N LEU A 90 1.39 -7.01 -14.47
CA LEU A 90 0.61 -8.18 -14.80
C LEU A 90 1.34 -9.13 -15.77
N THR A 91 2.50 -8.71 -16.29
CA THR A 91 3.34 -9.60 -17.10
C THR A 91 4.52 -10.23 -16.34
N LEU A 92 4.78 -9.79 -15.12
CA LEU A 92 6.03 -10.17 -14.41
C LEU A 92 5.87 -11.52 -13.75
N PRO A 93 6.88 -12.40 -13.88
CA PRO A 93 6.88 -13.63 -13.09
C PRO A 93 6.97 -13.35 -11.60
N GLU A 94 6.37 -14.22 -10.79
CA GLU A 94 6.34 -14.03 -9.33
C GLU A 94 7.45 -14.82 -8.63
N PRO A 95 7.84 -14.39 -7.41
CA PRO A 95 7.37 -13.17 -6.75
C PRO A 95 8.00 -11.93 -7.35
N ILE A 96 7.34 -10.81 -7.17
CA ILE A 96 7.90 -9.53 -7.55
C ILE A 96 8.61 -8.95 -6.34
N ILE A 97 9.87 -8.60 -6.50
CA ILE A 97 10.65 -7.98 -5.43
C ILE A 97 10.83 -6.47 -5.73
N SER A 98 10.57 -5.60 -4.76
CA SER A 98 10.76 -4.16 -4.98
C SER A 98 11.42 -3.53 -3.76
N ASP A 99 11.93 -2.33 -3.99
CA ASP A 99 12.54 -1.50 -2.94
C ASP A 99 12.07 -0.10 -3.23
N LEU A 100 11.44 0.54 -2.26
CA LEU A 100 10.79 1.85 -2.48
C LEU A 100 11.65 3.01 -2.02
N THR A 101 12.93 2.76 -1.77
CA THR A 101 13.78 3.81 -1.19
C THR A 101 14.24 4.85 -2.22
N MSE A 102 14.21 4.47 -3.50
CA MSE A 102 14.77 5.22 -4.63
C MSE A 102 13.68 5.82 -5.50
O MSE A 102 12.66 5.18 -5.74
CB MSE A 102 15.58 4.26 -5.56
CG MSE A 102 14.74 3.13 -6.19
SE MSE A 102 15.78 1.53 -6.82
CE MSE A 102 16.02 0.74 -5.02
N GLY A 103 13.92 7.02 -6.02
CA GLY A 103 13.09 7.55 -7.10
C GLY A 103 11.84 8.29 -6.65
N MSE A 104 11.07 8.76 -7.63
CA MSE A 104 9.94 9.65 -7.36
C MSE A 104 8.92 9.00 -6.46
O MSE A 104 8.53 7.84 -6.67
CB MSE A 104 9.22 10.05 -8.64
CG MSE A 104 9.97 11.01 -9.48
SE MSE A 104 8.72 11.85 -10.77
CE MSE A 104 7.37 10.84 -10.55
N ARG A 105 8.47 9.74 -5.46
CA ARG A 105 7.50 9.21 -4.51
C ARG A 105 6.19 8.79 -5.16
N MSE A 106 5.73 9.56 -6.15
CA MSE A 106 4.47 9.20 -6.79
C MSE A 106 4.62 7.86 -7.52
O MSE A 106 3.71 7.04 -7.53
CB MSE A 106 4.03 10.29 -7.77
CG MSE A 106 3.47 11.58 -7.19
SE MSE A 106 2.93 12.81 -8.69
CE MSE A 106 3.71 11.92 -9.93
N ILE A 107 5.76 7.64 -8.16
CA ILE A 107 5.94 6.36 -8.89
C ILE A 107 6.03 5.21 -7.91
N ASN A 108 6.77 5.38 -6.80
CA ASN A 108 6.82 4.32 -5.78
C ASN A 108 5.47 3.97 -5.19
N THR A 109 4.66 4.98 -4.98
CA THR A 109 3.28 4.76 -4.51
C THR A 109 2.48 3.88 -5.48
N LEU A 110 2.52 4.23 -6.77
CA LEU A 110 1.85 3.45 -7.83
C LEU A 110 2.39 2.02 -7.91
N ILE A 111 3.71 1.86 -7.80
CA ILE A 111 4.31 0.54 -7.79
C ILE A 111 3.78 -0.31 -6.65
N LEU A 112 3.78 0.25 -5.43
CA LEU A 112 3.29 -0.53 -4.27
C LEU A 112 1.82 -0.88 -4.42
N LEU A 113 1.00 0.11 -4.75
CA LEU A 113 -0.42 -0.15 -4.91
C LEU A 113 -0.68 -1.14 -6.04
N GLY A 114 0.01 -1.00 -7.16
CA GLY A 114 -0.13 -1.94 -8.27
C GLY A 114 0.21 -3.36 -7.88
N ILE A 115 1.32 -3.52 -7.19
CA ILE A 115 1.73 -4.83 -6.70
C ILE A 115 0.66 -5.41 -5.77
N ILE A 116 0.16 -4.62 -4.82
CA ILE A 116 -0.87 -5.10 -3.90
C ILE A 116 -2.14 -5.52 -4.64
N VAL A 117 -2.66 -4.66 -5.51
CA VAL A 117 -3.94 -4.97 -6.16
C VAL A 117 -3.83 -6.06 -7.25
N SER A 118 -2.62 -6.33 -7.74
CA SER A 118 -2.37 -7.36 -8.74
C SER A 118 -2.62 -8.78 -8.22
N ARG A 119 -2.61 -8.94 -6.90
CA ARG A 119 -2.74 -10.24 -6.23
C ARG A 119 -1.52 -11.16 -6.43
N LYS A 120 -0.46 -10.63 -7.04
CA LYS A 120 0.76 -11.39 -7.24
C LYS A 120 1.55 -11.50 -5.94
N ARG A 121 2.36 -12.55 -5.83
CA ARG A 121 3.24 -12.72 -4.66
C ARG A 121 4.33 -11.68 -4.76
N PHE A 122 4.74 -11.12 -3.63
CA PHE A 122 5.73 -10.05 -3.63
C PHE A 122 6.44 -9.93 -2.30
N THR A 123 7.62 -9.30 -2.34
CA THR A 123 8.30 -8.79 -1.15
C THR A 123 8.76 -7.38 -1.45
N VAL A 124 8.49 -6.46 -0.52
CA VAL A 124 8.91 -5.07 -0.63
C VAL A 124 9.83 -4.71 0.51
N TYR A 125 10.93 -4.05 0.19
CA TYR A 125 11.82 -3.45 1.16
C TYR A 125 11.74 -1.92 1.12
N VAL A 126 11.93 -1.25 2.27
CA VAL A 126 12.13 0.19 2.31
C VAL A 126 13.23 0.41 3.31
N ARG A 127 14.28 1.13 2.89
CA ARG A 127 15.44 1.41 3.71
C ARG A 127 15.52 2.88 4.12
N ASP A 128 16.49 3.15 4.98
CA ASP A 128 16.87 4.50 5.38
C ASP A 128 17.56 5.20 4.21
N GLU A 129 16.94 6.26 3.71
CA GLU A 129 17.45 7.01 2.55
C GLU A 129 18.76 7.71 2.87
N GLY A 130 19.04 7.90 4.16
CA GLY A 130 20.30 8.48 4.61
C GLY A 130 21.48 7.52 4.56
N GLY A 131 21.22 6.23 4.29
CA GLY A 131 22.29 5.25 4.18
C GLY A 131 22.63 4.54 5.48
N GLY A 132 21.76 4.62 6.48
CA GLY A 132 21.90 3.79 7.68
C GLY A 132 21.46 2.36 7.42
N SER A 133 21.58 1.53 8.46
CA SER A 133 21.29 0.11 8.36
C SER A 133 19.82 -0.26 8.54
N ARG A 134 18.98 0.69 8.95
CA ARG A 134 17.56 0.39 9.21
C ARG A 134 16.84 0.03 7.92
N VAL A 135 16.06 -1.05 7.98
CA VAL A 135 15.25 -1.51 6.85
C VAL A 135 13.97 -2.12 7.38
N ILE A 136 12.88 -1.97 6.63
CA ILE A 136 11.66 -2.71 6.94
C ILE A 136 11.30 -3.48 5.69
N SER A 137 10.61 -4.61 5.85
CA SER A 137 10.13 -5.34 4.69
C SER A 137 8.79 -5.99 5.02
N PHE A 138 8.06 -6.30 3.96
CA PHE A 138 6.81 -7.02 4.08
C PHE A 138 6.51 -7.71 2.77
N ASN A 139 5.53 -8.60 2.80
CA ASN A 139 5.19 -9.41 1.63
C ASN A 139 3.69 -9.57 1.46
N ASP A 140 3.28 -10.32 0.44
CA ASP A 140 1.84 -10.52 0.19
C ASP A 140 1.13 -11.20 1.36
N ASN A 141 1.83 -12.08 2.08
CA ASN A 141 1.27 -12.73 3.27
CA ASN A 141 1.25 -12.74 3.23
C ASN A 141 0.95 -11.72 4.35
N THR A 142 1.85 -10.75 4.53
CA THR A 142 1.71 -9.69 5.54
C THR A 142 0.38 -8.97 5.32
N ILE A 143 0.16 -8.57 4.08
CA ILE A 143 -1.02 -7.80 3.73
C ILE A 143 -2.27 -8.67 3.81
N ARG A 144 -2.17 -9.89 3.28
CA ARG A 144 -3.30 -10.82 3.34
C ARG A 144 -3.72 -11.06 4.79
N ALA A 145 -2.76 -11.23 5.69
CA ALA A 145 -3.06 -11.50 7.11
C ALA A 145 -3.80 -10.32 7.74
N LEU A 146 -3.36 -9.12 7.42
CA LEU A 146 -3.94 -7.91 7.99
C LEU A 146 -5.33 -7.60 7.44
N MSE A 147 -5.61 -8.04 6.22
CA MSE A 147 -6.88 -7.72 5.57
C MSE A 147 -7.91 -8.82 5.66
O MSE A 147 -9.06 -8.64 5.25
CB MSE A 147 -6.63 -7.43 4.12
CG MSE A 147 -5.50 -6.46 3.99
SE MSE A 147 -6.08 -4.97 3.06
CE MSE A 147 -7.64 -4.44 4.08
N ARG A 148 -7.49 -9.96 6.18
CA ARG A 148 -8.33 -11.13 6.30
C ARG A 148 -9.41 -10.84 7.33
N ASP A 149 -10.58 -11.46 7.12
CA ASP A 149 -11.66 -11.43 8.08
C ASP A 149 -11.53 -12.65 8.98
N TYR A 150 -11.32 -12.42 10.28
CA TYR A 150 -11.21 -13.51 11.26
C TYR A 150 -12.55 -13.80 11.92
N SER A 151 -12.83 -15.08 12.13
CA SER A 151 -14.08 -15.50 12.75
C SER A 151 -14.02 -15.28 14.26
N ARG A 152 -15.17 -15.34 14.89
CA ARG A 152 -15.25 -15.27 16.34
C ARG A 152 -14.34 -16.32 16.99
N GLU A 153 -14.44 -17.55 16.51
CA GLU A 153 -13.68 -18.66 17.10
C GLU A 153 -12.18 -18.47 16.89
N GLU A 154 -11.82 -17.94 15.72
CA GLU A 154 -10.44 -17.57 15.43
C GLU A 154 -9.91 -16.50 16.38
N MSE A 155 -10.70 -15.46 16.63
CA MSE A 155 -10.24 -14.38 17.51
C MSE A 155 -10.11 -14.87 18.95
O MSE A 155 -9.22 -14.44 19.66
CB MSE A 155 -11.18 -13.18 17.42
CG MSE A 155 -11.10 -12.44 16.10
SE MSE A 155 -9.24 -11.95 15.65
CE MSE A 155 -8.64 -11.24 17.35
N LYS A 156 -11.00 -15.78 19.36
CA LYS A 156 -10.90 -16.41 20.68
C LYS A 156 -9.56 -17.13 20.82
N LEU A 157 -9.21 -17.91 19.79
CA LEU A 157 -7.92 -18.61 19.75
C LEU A 157 -6.76 -17.63 19.85
N LEU A 158 -6.76 -16.64 18.98
CA LEU A 158 -5.71 -15.61 18.99
C LEU A 158 -5.64 -14.89 20.34
N ASN A 159 -6.79 -14.52 20.91
CA ASN A 159 -6.77 -13.83 22.19
C ASN A 159 -6.23 -14.73 23.29
N VAL A 160 -6.60 -16.00 23.25
CA VAL A 160 -6.08 -16.96 24.23
C VAL A 160 -4.57 -17.00 24.15
N LEU A 161 -4.03 -17.13 22.95
CA LEU A 161 -2.57 -17.12 22.73
C LEU A 161 -1.92 -15.84 23.23
N TYR A 162 -2.62 -14.71 23.08
CA TYR A 162 -2.13 -13.45 23.60
C TYR A 162 -2.10 -13.47 25.14
N GLU A 163 -3.20 -13.88 25.77
CA GLU A 163 -3.32 -13.86 27.22
C GLU A 163 -2.42 -14.89 27.89
N THR A 164 -2.23 -16.04 27.25
CA THR A 164 -1.38 -17.10 27.81
C THR A 164 0.11 -16.92 27.50
N LYS A 165 0.41 -16.12 26.47
CA LYS A 165 1.78 -15.91 25.98
C LYS A 165 2.36 -17.18 25.33
N GLY A 166 1.47 -18.06 24.88
CA GLY A 166 1.89 -19.25 24.17
C GLY A 166 1.56 -20.52 24.94
N THR A 167 1.04 -21.52 24.22
CA THR A 167 0.65 -22.77 24.84
C THR A 167 0.72 -23.92 23.84
N GLY A 168 0.81 -25.14 24.35
CA GLY A 168 0.78 -26.33 23.51
C GLY A 168 -0.62 -26.68 23.04
N ILE A 169 -0.68 -27.49 21.97
CA ILE A 169 -1.93 -27.98 21.42
C ILE A 169 -2.81 -28.61 22.48
N THR A 170 -2.22 -29.51 23.27
CA THR A 170 -2.96 -30.23 24.30
C THR A 170 -3.69 -29.27 25.22
N GLU A 171 -2.99 -28.29 25.75
CA GLU A 171 -3.55 -27.33 26.69
C GLU A 171 -4.58 -26.42 26.02
N LEU A 172 -4.33 -26.07 24.76
CA LEU A 172 -5.24 -25.20 24.00
C LEU A 172 -6.58 -25.88 23.74
N ALA A 173 -6.54 -27.18 23.45
CA ALA A 173 -7.75 -27.94 23.19
C ALA A 173 -8.67 -27.92 24.40
N LYS A 174 -8.07 -27.99 25.60
CA LYS A 174 -8.83 -27.92 26.85
C LYS A 174 -9.45 -26.54 27.04
N MSE A 175 -8.66 -25.50 26.78
CA MSE A 175 -9.10 -24.12 26.99
C MSE A 175 -10.21 -23.70 26.03
O MSE A 175 -11.15 -23.01 26.43
CB MSE A 175 -7.91 -23.18 26.86
CG MSE A 175 -6.83 -23.42 27.90
SE MSE A 175 -5.28 -22.28 27.66
CE MSE A 175 -5.76 -20.88 28.93
N LEU A 176 -10.09 -24.10 24.76
CA LEU A 176 -11.08 -23.76 23.74
C LEU A 176 -12.16 -24.83 23.59
N ASP A 177 -11.97 -25.95 24.28
CA ASP A 177 -12.92 -27.05 24.21
C ASP A 177 -13.05 -27.59 22.78
N LYS A 178 -11.90 -27.74 22.12
CA LYS A 178 -11.84 -28.21 20.74
C LYS A 178 -11.03 -29.51 20.69
N SER A 179 -11.34 -30.39 19.74
CA SER A 179 -10.51 -31.57 19.54
C SER A 179 -9.10 -31.15 19.11
N GLU A 180 -8.10 -31.96 19.45
CA GLU A 180 -6.73 -31.69 19.02
C GLU A 180 -6.65 -31.61 17.49
N LYS A 181 -7.37 -32.50 16.82
CA LYS A 181 -7.41 -32.54 15.36
C LYS A 181 -7.84 -31.21 14.77
N THR A 182 -8.98 -30.68 15.23
CA THR A 182 -9.49 -29.42 14.69
C THR A 182 -8.54 -28.27 14.99
N LEU A 183 -7.98 -28.27 16.20
CA LEU A 183 -7.04 -27.23 16.60
C LEU A 183 -5.74 -27.29 15.79
N ILE A 184 -5.21 -28.49 15.63
CA ILE A 184 -3.99 -28.67 14.86
C ILE A 184 -4.18 -28.12 13.44
N ASN A 185 -5.35 -28.39 12.84
CA ASN A 185 -5.61 -27.97 11.47
C ASN A 185 -5.69 -26.45 11.39
N LYS A 186 -6.37 -25.84 12.36
CA LYS A 186 -6.51 -24.39 12.38
C LYS A 186 -5.14 -23.73 12.57
N ILE A 187 -4.36 -24.24 13.51
CA ILE A 187 -3.05 -23.70 13.79
C ILE A 187 -2.17 -23.79 12.56
N ALA A 188 -2.18 -24.93 11.89
CA ALA A 188 -1.42 -25.10 10.66
C ALA A 188 -1.83 -24.05 9.64
N GLU A 189 -3.13 -23.80 9.53
CA GLU A 189 -3.67 -22.79 8.61
C GLU A 189 -3.12 -21.38 8.91
N LEU A 190 -3.26 -20.95 10.17
CA LEU A 190 -2.86 -19.62 10.60
C LEU A 190 -1.34 -19.43 10.58
N LYS A 191 -0.62 -20.53 10.75
CA LYS A 191 0.84 -20.54 10.63
C LYS A 191 1.23 -20.25 9.19
N LYS A 192 0.49 -20.85 8.25
CA LYS A 192 0.70 -20.55 6.84
C LYS A 192 0.40 -19.08 6.49
N PHE A 193 -0.54 -18.46 7.20
CA PHE A 193 -0.79 -17.02 7.06
C PHE A 193 0.30 -16.15 7.71
N GLY A 194 1.17 -16.80 8.48
CA GLY A 194 2.33 -16.13 9.06
C GLY A 194 2.07 -15.39 10.35
N ILE A 195 0.98 -15.68 11.05
CA ILE A 195 0.63 -14.89 12.24
C ILE A 195 0.96 -15.58 13.56
N LEU A 196 1.33 -16.85 13.48
CA LEU A 196 1.76 -17.55 14.69
C LEU A 196 2.89 -18.50 14.36
N THR A 197 3.56 -18.97 15.40
CA THR A 197 4.68 -19.89 15.25
C THR A 197 4.55 -21.03 16.22
N GLN A 198 5.33 -22.08 15.96
CA GLN A 198 5.36 -23.26 16.80
C GLN A 198 6.84 -23.59 16.90
N LYS A 199 7.40 -23.47 18.10
CA LYS A 199 8.85 -23.56 18.29
C LYS A 199 9.25 -24.37 19.51
N GLY A 200 10.52 -24.77 19.53
CA GLY A 200 11.11 -25.36 20.71
C GLY A 200 10.71 -26.80 20.95
N LYS A 201 11.23 -27.35 22.03
CA LYS A 201 11.02 -28.75 22.36
C LYS A 201 9.62 -28.94 22.96
N ASP A 202 9.06 -27.88 23.55
CA ASP A 202 7.69 -27.90 24.06
C ASP A 202 6.67 -27.62 22.96
N ARG A 203 7.15 -27.11 21.82
CA ARG A 203 6.33 -26.93 20.64
C ARG A 203 5.14 -26.01 20.96
N LYS A 204 5.38 -24.99 21.78
CA LYS A 204 4.29 -24.11 22.19
C LYS A 204 3.91 -23.23 21.01
N VAL A 205 2.62 -22.91 20.91
CA VAL A 205 2.11 -22.10 19.83
C VAL A 205 2.05 -20.67 20.36
N GLU A 206 2.64 -19.75 19.60
CA GLU A 206 2.76 -18.35 20.01
C GLU A 206 2.34 -17.45 18.87
N LEU A 207 1.70 -16.32 19.21
CA LEU A 207 1.54 -15.23 18.26
C LEU A 207 2.90 -14.70 17.92
N ASN A 208 3.04 -14.18 16.70
CA ASN A 208 4.20 -13.37 16.39
C ASN A 208 3.78 -11.90 16.25
N GLU A 209 4.71 -11.04 15.87
CA GLU A 209 4.42 -9.62 15.84
C GLU A 209 3.33 -9.28 14.82
N LEU A 210 3.29 -10.01 13.71
CA LEU A 210 2.19 -9.84 12.74
C LEU A 210 0.87 -10.23 13.39
N GLY A 211 0.86 -11.35 14.14
CA GLY A 211 -0.32 -11.76 14.87
C GLY A 211 -0.78 -10.70 15.87
N LEU A 212 0.15 -10.00 16.50
CA LEU A 212 -0.22 -8.93 17.45
C LEU A 212 -0.93 -7.79 16.75
N ASN A 213 -0.50 -7.49 15.54
CA ASN A 213 -1.20 -6.49 14.71
C ASN A 213 -2.59 -6.94 14.26
N VAL A 214 -2.73 -8.23 13.95
CA VAL A 214 -4.06 -8.79 13.64
C VAL A 214 -5.03 -8.60 14.82
N ILE A 215 -4.53 -8.89 16.02
CA ILE A 215 -5.34 -8.74 17.23
C ILE A 215 -5.74 -7.29 17.41
N LYS A 216 -4.77 -6.39 17.23
CA LYS A 216 -5.00 -4.97 17.39
C LYS A 216 -6.10 -4.47 16.45
N LEU A 217 -6.05 -4.92 15.19
CA LEU A 217 -7.04 -4.55 14.16
C LEU A 217 -8.41 -5.12 14.45
N ASN A 218 -8.44 -6.28 15.09
CA ASN A 218 -9.69 -6.94 15.40
C ASN A 218 -10.05 -6.79 16.89
N LYS A 219 -9.55 -5.73 17.50
CA LYS A 219 -9.98 -5.30 18.84
C LYS A 219 -11.08 -4.24 18.70
N MSE B 8 -15.65 16.48 12.41
CA MSE B 8 -14.18 16.71 12.31
C MSE B 8 -13.56 15.54 11.54
O MSE B 8 -14.08 14.44 11.56
CB MSE B 8 -13.54 16.79 13.71
CG MSE B 8 -13.71 15.55 14.57
SE MSE B 8 -13.21 15.81 16.47
CE MSE B 8 -14.08 17.53 16.75
N LYS B 9 -12.46 15.82 10.87
CA LYS B 9 -11.69 14.79 10.15
C LYS B 9 -10.29 14.83 10.70
N SER B 10 -9.39 14.02 10.14
N SER B 10 -9.40 14.02 10.12
CA SER B 10 -8.04 13.96 10.65
CA SER B 10 -8.05 13.89 10.64
C SER B 10 -7.00 14.08 9.55
C SER B 10 -7.00 14.08 9.54
N TYR B 11 -5.81 14.51 9.96
CA TYR B 11 -4.62 14.58 9.08
C TYR B 11 -3.54 13.76 9.74
N PHE B 12 -2.90 12.86 9.00
CA PHE B 12 -1.88 12.04 9.60
C PHE B 12 -0.73 11.96 8.61
N VAL B 13 0.41 12.54 8.98
CA VAL B 13 1.56 12.68 8.07
C VAL B 13 2.85 12.49 8.85
N THR B 14 3.97 12.48 8.13
CA THR B 14 5.27 12.56 8.78
C THR B 14 5.87 13.88 8.30
N MSE B 15 7.10 14.20 8.69
CA MSE B 15 7.69 15.51 8.35
C MSE B 15 9.16 15.30 8.18
O MSE B 15 9.77 14.52 8.91
CB MSE B 15 7.46 16.50 9.51
CG MSE B 15 8.16 17.84 9.35
SE MSE B 15 7.28 18.74 7.85
CE MSE B 15 5.54 18.95 8.63
N GLY B 16 9.74 16.00 7.20
CA GLY B 16 11.19 16.08 7.06
C GLY B 16 11.60 17.52 7.35
N PHE B 17 12.31 18.13 6.42
CA PHE B 17 12.83 19.49 6.59
C PHE B 17 11.94 20.57 5.96
N ASN B 18 10.83 20.20 5.35
CA ASN B 18 10.04 21.14 4.58
C ASN B 18 8.58 21.01 4.94
N GLU B 19 8.06 22.03 5.61
CA GLU B 19 6.67 22.02 6.05
C GLU B 19 5.63 22.39 4.99
N THR B 20 6.09 22.82 3.81
CA THR B 20 5.20 23.44 2.84
C THR B 20 4.15 22.48 2.25
N PHE B 21 4.50 21.19 2.11
CA PHE B 21 3.56 20.23 1.58
C PHE B 21 2.39 20.00 2.52
N LEU B 22 2.66 19.97 3.83
CA LEU B 22 1.57 19.86 4.81
C LEU B 22 0.68 21.10 4.82
N LEU B 23 1.28 22.29 4.74
CA LEU B 23 0.46 23.52 4.70
C LEU B 23 -0.42 23.51 3.43
N ARG B 24 0.14 23.04 2.32
CA ARG B 24 -0.63 22.91 1.08
C ARG B 24 -1.80 21.95 1.26
N LEU B 25 -1.55 20.80 1.90
CA LEU B 25 -2.61 19.80 2.19
C LEU B 25 -3.73 20.41 3.01
N LEU B 26 -3.35 21.10 4.07
CA LEU B 26 -4.28 21.67 5.00
C LEU B 26 -5.15 22.69 4.26
N ASN B 27 -4.52 23.53 3.45
CA ASN B 27 -5.28 24.48 2.65
C ASN B 27 -6.23 23.84 1.63
N GLU B 28 -5.69 22.90 0.85
CA GLU B 28 -6.46 22.26 -0.24
C GLU B 28 -7.71 21.53 0.24
N THR B 29 -7.63 20.96 1.44
CA THR B 29 -8.68 20.13 2.00
C THR B 29 -9.44 20.84 3.12
N SER B 30 -9.34 22.16 3.16
CA SER B 30 -10.17 22.99 4.04
C SER B 30 -10.05 22.54 5.50
N ALA B 31 -8.82 22.50 5.99
CA ALA B 31 -8.58 22.09 7.37
C ALA B 31 -9.28 23.02 8.33
N GLN B 32 -9.91 22.43 9.36
CA GLN B 32 -10.57 23.17 10.42
C GLN B 32 -9.77 23.12 11.72
N LYS B 33 -9.90 24.16 12.54
CA LYS B 33 -9.21 24.19 13.81
C LYS B 33 -9.53 22.94 14.67
N GLU B 34 -10.75 22.40 14.51
CA GLU B 34 -11.23 21.27 15.29
C GLU B 34 -10.81 19.89 14.76
N ASP B 35 -10.25 19.87 13.55
CA ASP B 35 -9.75 18.61 12.95
C ASP B 35 -8.56 18.10 13.74
N SER B 36 -8.27 16.80 13.66
CA SER B 36 -7.13 16.23 14.38
C SER B 36 -5.92 16.18 13.44
N LEU B 37 -4.80 16.78 13.83
CA LEU B 37 -3.60 16.70 13.03
C LEU B 37 -2.58 15.97 13.87
N VAL B 38 -2.11 14.83 13.36
CA VAL B 38 -1.05 14.06 14.00
C VAL B 38 0.15 13.93 13.06
N ILE B 39 1.33 14.20 13.60
CA ILE B 39 2.56 14.06 12.83
C ILE B 39 3.47 13.12 13.57
N VAL B 40 3.99 12.12 12.86
CA VAL B 40 4.91 11.15 13.42
C VAL B 40 6.27 11.36 12.77
N VAL B 41 7.33 11.41 13.59
CA VAL B 41 8.67 11.69 13.10
C VAL B 41 9.62 10.66 13.71
N PRO B 42 10.75 10.39 13.06
CA PRO B 42 11.70 9.48 13.67
C PRO B 42 12.33 10.11 14.90
N SER B 43 12.74 9.28 15.84
CA SER B 43 13.49 9.72 17.01
C SER B 43 14.96 9.38 16.82
N PRO B 44 15.89 10.32 17.13
CA PRO B 44 15.68 11.67 17.64
C PRO B 44 15.29 12.60 16.53
N ILE B 45 14.71 13.72 16.89
CA ILE B 45 14.24 14.72 15.93
C ILE B 45 15.42 15.62 15.62
N VAL B 46 15.92 15.52 14.38
CA VAL B 46 17.10 16.28 13.98
C VAL B 46 16.74 17.76 13.78
N SER B 47 17.77 18.60 13.80
CA SER B 47 17.62 20.05 13.76
C SER B 47 16.76 20.53 12.61
N GLY B 48 16.95 19.93 11.43
CA GLY B 48 16.21 20.36 10.24
C GLY B 48 14.72 20.11 10.40
N THR B 49 14.39 18.97 11.00
CA THR B 49 13.00 18.65 11.30
C THR B 49 12.44 19.53 12.42
N ARG B 50 13.20 19.77 13.48
CA ARG B 50 12.75 20.70 14.53
C ARG B 50 12.43 22.07 13.96
N ALA B 51 13.25 22.54 13.04
CA ALA B 51 13.06 23.86 12.43
C ALA B 51 11.80 23.91 11.58
N ALA B 52 11.56 22.86 10.78
CA ALA B 52 10.32 22.74 10.01
C ALA B 52 9.08 22.72 10.91
N ILE B 53 9.14 21.98 12.02
CA ILE B 53 8.04 21.90 12.96
C ILE B 53 7.72 23.24 13.62
N GLU B 54 8.74 23.99 14.03
CA GLU B 54 8.49 25.30 14.66
C GLU B 54 7.91 26.29 13.64
N SER B 55 8.38 26.22 12.39
CA SER B 55 7.82 27.04 11.30
C SER B 55 6.37 26.64 11.04
N LEU B 56 6.13 25.34 10.94
CA LEU B 56 4.76 24.82 10.75
C LEU B 56 3.83 25.29 11.86
N ARG B 57 4.27 25.18 13.11
CA ARG B 57 3.41 25.56 14.24
C ARG B 57 3.03 27.03 14.15
N ALA B 58 3.99 27.86 13.81
CA ALA B 58 3.78 29.30 13.72
C ALA B 58 2.73 29.61 12.65
N GLN B 59 2.87 28.94 11.50
N GLN B 59 2.89 28.96 11.49
CA GLN B 59 1.97 29.20 10.36
CA GLN B 59 1.98 29.15 10.35
C GLN B 59 0.56 28.63 10.62
C GLN B 59 0.57 28.66 10.68
N ILE B 60 0.50 27.47 11.27
CA ILE B 60 -0.77 26.89 11.71
C ILE B 60 -1.54 27.83 12.66
N SER B 61 -0.84 28.42 13.62
CA SER B 61 -1.44 29.43 14.49
C SER B 61 -2.00 30.60 13.69
N ARG B 62 -1.21 31.14 12.77
CA ARG B 62 -1.66 32.27 11.97
C ARG B 62 -2.91 31.96 11.16
N LEU B 63 -3.01 30.72 10.70
CA LEU B 63 -4.04 30.29 9.74
C LEU B 63 -5.24 29.57 10.36
N ASN B 64 -5.32 29.57 11.69
CA ASN B 64 -6.39 28.90 12.42
C ASN B 64 -6.57 27.45 12.01
N TYR B 65 -5.43 26.76 11.81
CA TYR B 65 -5.40 25.37 11.44
C TYR B 65 -5.39 24.48 12.69
N PRO B 66 -5.60 23.16 12.53
CA PRO B 66 -5.55 22.27 13.70
C PRO B 66 -4.13 22.21 14.29
N PRO B 67 -3.96 22.49 15.58
CA PRO B 67 -2.60 22.41 16.15
C PRO B 67 -2.12 20.97 16.20
N PRO B 68 -0.86 20.71 15.79
CA PRO B 68 -0.41 19.32 15.67
C PRO B 68 0.01 18.65 16.97
N ARG B 69 -0.36 17.37 17.07
CA ARG B 69 0.18 16.46 18.06
CA ARG B 69 0.21 16.49 18.06
C ARG B 69 1.33 15.71 17.40
N ILE B 70 2.53 15.85 17.94
CA ILE B 70 3.71 15.29 17.32
C ILE B 70 4.27 14.16 18.18
N TYR B 71 4.44 13.00 17.54
CA TYR B 71 4.98 11.80 18.17
C TYR B 71 6.28 11.40 17.52
N GLU B 72 7.29 11.07 18.32
CA GLU B 72 8.55 10.60 17.76
C GLU B 72 8.64 9.11 17.98
N ILE B 73 8.97 8.35 16.93
CA ILE B 73 8.98 6.89 17.00
C ILE B 73 10.24 6.19 16.45
N GLU B 74 10.47 4.98 16.93
CA GLU B 74 11.55 4.11 16.48
C GLU B 74 11.02 3.39 15.27
N ILE B 75 11.86 3.21 14.25
CA ILE B 75 11.43 2.49 13.05
C ILE B 75 12.56 1.55 12.69
N THR B 76 12.56 0.40 13.36
CA THR B 76 13.54 -0.66 13.13
C THR B 76 12.95 -1.96 12.56
N ASP B 77 11.63 -2.13 12.57
CA ASP B 77 11.02 -3.40 12.16
C ASP B 77 9.59 -3.17 11.67
N PHE B 78 9.18 -3.82 10.58
CA PHE B 78 7.86 -3.53 9.99
C PHE B 78 6.71 -3.65 11.00
N ASN B 79 6.56 -4.82 11.60
CA ASN B 79 5.42 -5.03 12.49
C ASN B 79 5.48 -4.24 13.79
N LEU B 80 6.67 -4.11 14.37
CA LEU B 80 6.76 -3.32 15.62
C LEU B 80 6.38 -1.85 15.35
N ALA B 81 6.86 -1.30 14.23
CA ALA B 81 6.53 0.09 13.86
C ALA B 81 5.07 0.22 13.44
N LEU B 82 4.57 -0.74 12.66
CA LEU B 82 3.15 -0.73 12.27
C LEU B 82 2.22 -0.70 13.48
N SER B 83 2.58 -1.43 14.54
CA SER B 83 1.81 -1.44 15.79
C SER B 83 1.60 -0.01 16.34
N LYS B 84 2.68 0.76 16.36
CA LYS B 84 2.64 2.13 16.85
C LYS B 84 1.81 3.03 15.95
N ILE B 85 1.99 2.89 14.64
CA ILE B 85 1.18 3.58 13.62
C ILE B 85 -0.31 3.26 13.72
N LEU B 86 -0.63 1.99 13.94
CA LEU B 86 -2.00 1.57 14.13
C LEU B 86 -2.60 2.14 15.43
N ASP B 87 -1.82 2.22 16.50
CA ASP B 87 -2.29 2.82 17.76
C ASP B 87 -2.80 4.24 17.50
N ILE B 88 -2.10 4.97 16.64
CA ILE B 88 -2.51 6.32 16.29
C ILE B 88 -3.76 6.29 15.41
N ILE B 89 -3.70 5.55 14.31
CA ILE B 89 -4.80 5.48 13.34
C ILE B 89 -6.12 5.06 13.92
N LEU B 90 -6.12 4.02 14.76
CA LEU B 90 -7.36 3.51 15.28
C LEU B 90 -8.04 4.51 16.23
N THR B 91 -7.36 5.61 16.58
CA THR B 91 -7.97 6.68 17.39
C THR B 91 -8.47 7.90 16.59
N LEU B 92 -8.15 7.96 15.29
CA LEU B 92 -8.41 9.17 14.48
C LEU B 92 -9.82 9.21 13.92
N PRO B 93 -10.49 10.37 14.00
CA PRO B 93 -11.80 10.48 13.33
C PRO B 93 -11.64 10.42 11.82
N GLU B 94 -12.62 9.85 11.12
CA GLU B 94 -12.55 9.72 9.66
C GLU B 94 -13.17 10.91 8.94
N PRO B 95 -12.76 11.13 7.70
CA PRO B 95 -11.70 10.45 6.98
C PRO B 95 -10.34 10.94 7.44
N ILE B 96 -9.36 10.08 7.23
CA ILE B 96 -7.96 10.42 7.49
C ILE B 96 -7.36 10.94 6.19
N ILE B 97 -6.79 12.13 6.27
CA ILE B 97 -6.20 12.78 5.10
C ILE B 97 -4.68 12.77 5.23
N SER B 98 -4.00 12.39 4.16
CA SER B 98 -2.53 12.33 4.22
C SER B 98 -1.90 12.76 2.89
N ASP B 99 -0.62 13.10 2.99
CA ASP B 99 0.22 13.45 1.86
C ASP B 99 1.56 12.78 2.15
N LEU B 100 2.01 11.96 1.21
CA LEU B 100 3.20 11.11 1.37
C LEU B 100 4.43 11.71 0.72
N THR B 101 4.38 12.99 0.36
CA THR B 101 5.50 13.62 -0.32
C THR B 101 6.69 13.96 0.61
N MSE B 102 6.44 14.06 1.91
CA MSE B 102 7.38 14.56 2.92
C MSE B 102 7.84 13.45 3.86
O MSE B 102 7.03 12.61 4.24
CB MSE B 102 6.64 15.63 3.78
CG MSE B 102 5.41 15.04 4.57
SE MSE B 102 4.04 16.30 5.34
CE MSE B 102 2.93 16.50 3.71
N GLY B 103 9.12 13.47 4.24
CA GLY B 103 9.62 12.70 5.37
C GLY B 103 10.05 11.30 4.98
N MSE B 104 10.40 10.50 5.97
CA MSE B 104 11.06 9.24 5.71
C MSE B 104 10.19 8.31 4.91
O MSE B 104 9.00 8.11 5.22
CB MSE B 104 11.43 8.53 7.01
CG MSE B 104 12.43 9.24 7.80
SE MSE B 104 13.37 7.98 8.98
CE MSE B 104 12.28 6.71 9.19
N ARG B 105 10.78 7.70 3.89
CA ARG B 105 10.02 6.77 3.07
C ARG B 105 9.46 5.61 3.89
N MSE B 106 10.25 5.07 4.80
CA MSE B 106 9.78 3.95 5.63
C MSE B 106 8.51 4.34 6.41
O MSE B 106 7.56 3.56 6.54
CB MSE B 106 10.89 3.53 6.60
CG MSE B 106 11.94 2.58 5.97
SE MSE B 106 13.26 2.07 7.38
CE MSE B 106 12.41 2.79 8.61
N ILE B 107 8.49 5.55 6.95
CA ILE B 107 7.33 5.99 7.76
C ILE B 107 6.11 6.20 6.89
N ASN B 108 6.30 6.82 5.72
CA ASN B 108 5.19 7.01 4.77
C ASN B 108 4.59 5.67 4.34
N THR B 109 5.44 4.68 4.19
CA THR B 109 4.96 3.35 3.78
C THR B 109 4.06 2.77 4.87
N LEU B 110 4.52 2.82 6.11
CA LEU B 110 3.71 2.37 7.24
C LEU B 110 2.40 3.14 7.39
N ILE B 111 2.44 4.46 7.17
CA ILE B 111 1.23 5.27 7.24
C ILE B 111 0.23 4.80 6.18
N LEU B 112 0.67 4.66 4.94
CA LEU B 112 -0.23 4.24 3.86
C LEU B 112 -0.82 2.86 4.14
N LEU B 113 0.05 1.90 4.46
CA LEU B 113 -0.41 0.54 4.72
C LEU B 113 -1.36 0.50 5.95
N GLY B 114 -1.03 1.22 7.01
CA GLY B 114 -1.89 1.28 8.21
C GLY B 114 -3.27 1.82 7.88
N ILE B 115 -3.31 2.89 7.10
CA ILE B 115 -4.59 3.49 6.70
C ILE B 115 -5.41 2.47 5.92
N ILE B 116 -4.74 1.78 4.97
CA ILE B 116 -5.44 0.80 4.14
C ILE B 116 -6.00 -0.36 4.96
N VAL B 117 -5.18 -0.99 5.81
CA VAL B 117 -5.66 -2.18 6.56
C VAL B 117 -6.63 -1.81 7.70
N SER B 118 -6.63 -0.55 8.11
CA SER B 118 -7.55 -0.06 9.13
C SER B 118 -9.01 -0.06 8.66
N ARG B 119 -9.21 -0.05 7.34
CA ARG B 119 -10.52 0.01 6.68
C ARG B 119 -11.24 1.36 6.90
N LYS B 120 -10.52 2.33 7.43
CA LYS B 120 -11.06 3.68 7.63
C LYS B 120 -11.13 4.45 6.31
N ARG B 121 -12.02 5.43 6.26
CA ARG B 121 -12.13 6.30 5.09
C ARG B 121 -10.90 7.19 5.05
N PHE B 122 -10.42 7.46 3.85
CA PHE B 122 -9.18 8.21 3.68
C PHE B 122 -9.04 8.84 2.32
N THR B 123 -8.24 9.89 2.27
CA THR B 123 -7.77 10.47 1.02
C THR B 123 -6.26 10.67 1.17
N VAL B 124 -5.50 10.23 0.16
CA VAL B 124 -4.06 10.38 0.12
C VAL B 124 -3.65 11.12 -1.13
N TYR B 125 -2.74 12.09 -0.96
CA TYR B 125 -2.08 12.80 -2.03
C TYR B 125 -0.61 12.47 -2.07
N VAL B 126 -0.03 12.46 -3.28
CA VAL B 126 1.43 12.39 -3.41
C VAL B 126 1.79 13.35 -4.53
N ARG B 127 2.64 14.31 -4.23
CA ARG B 127 2.99 15.38 -5.17
C ARG B 127 4.41 15.18 -5.76
N ASP B 128 4.73 16.02 -6.72
CA ASP B 128 6.09 16.19 -7.25
C ASP B 128 6.97 16.80 -6.15
N GLU B 129 8.01 16.07 -5.72
CA GLU B 129 8.87 16.53 -4.61
C GLU B 129 9.82 17.65 -5.04
N GLY B 130 10.03 17.79 -6.34
CA GLY B 130 10.79 18.90 -6.88
C GLY B 130 10.03 20.21 -7.06
N GLY B 131 8.78 20.28 -6.65
CA GLY B 131 8.03 21.54 -6.70
C GLY B 131 7.19 21.78 -7.94
N GLY B 132 7.16 20.83 -8.87
CA GLY B 132 6.25 20.91 -10.01
C GLY B 132 4.79 20.78 -9.59
N SER B 133 3.87 20.97 -10.54
CA SER B 133 2.43 20.96 -10.18
C SER B 133 1.77 19.56 -10.22
N ARG B 134 2.46 18.55 -10.74
CA ARG B 134 1.84 17.23 -10.85
C ARG B 134 1.58 16.57 -9.49
N VAL B 135 0.45 15.88 -9.41
CA VAL B 135 -0.03 15.30 -8.16
C VAL B 135 -0.90 14.12 -8.52
N ILE B 136 -0.84 13.11 -7.68
CA ILE B 136 -1.81 12.01 -7.74
C ILE B 136 -2.54 11.94 -6.42
N SER B 137 -3.79 11.51 -6.46
CA SER B 137 -4.54 11.26 -5.24
C SER B 137 -5.47 10.07 -5.43
N PHE B 138 -5.81 9.45 -4.33
CA PHE B 138 -6.71 8.32 -4.32
C PHE B 138 -7.35 8.22 -2.93
N ASN B 139 -8.43 7.46 -2.85
CA ASN B 139 -9.16 7.36 -1.59
C ASN B 139 -9.56 5.91 -1.31
N ASP B 140 -10.31 5.70 -0.24
CA ASP B 140 -10.68 4.34 0.15
C ASP B 140 -11.58 3.70 -0.91
N ASN B 141 -12.38 4.51 -1.61
CA ASN B 141 -13.24 3.99 -2.69
CA ASN B 141 -13.23 3.95 -2.67
C ASN B 141 -12.36 3.44 -3.82
N THR B 142 -11.30 4.18 -4.15
CA THR B 142 -10.38 3.72 -5.18
C THR B 142 -9.82 2.34 -4.89
N ILE B 143 -9.37 2.15 -3.66
CA ILE B 143 -8.70 0.92 -3.30
C ILE B 143 -9.75 -0.19 -3.19
N ARG B 144 -10.92 0.11 -2.63
CA ARG B 144 -12.01 -0.87 -2.56
C ARG B 144 -12.37 -1.39 -3.95
N ALA B 145 -12.46 -0.47 -4.91
CA ALA B 145 -12.81 -0.83 -6.30
C ALA B 145 -11.79 -1.77 -6.92
N LEU B 146 -10.52 -1.48 -6.67
CA LEU B 146 -9.43 -2.29 -7.21
C LEU B 146 -9.28 -3.63 -6.49
N MSE B 147 -9.60 -3.66 -5.19
CA MSE B 147 -9.37 -4.85 -4.37
C MSE B 147 -10.57 -5.78 -4.36
O MSE B 147 -10.49 -6.90 -3.91
CB MSE B 147 -9.04 -4.48 -2.92
CG MSE B 147 -7.98 -3.43 -2.79
SE MSE B 147 -6.75 -3.72 -1.33
CE MSE B 147 -6.21 -5.27 -2.42
N ARG B 148 -11.71 -5.29 -4.80
CA ARG B 148 -12.94 -6.07 -4.75
C ARG B 148 -12.87 -7.32 -5.63
N ASP B 149 -13.48 -8.42 -5.17
CA ASP B 149 -13.67 -9.60 -6.00
C ASP B 149 -15.02 -9.49 -6.72
N TYR B 150 -14.98 -9.30 -8.03
CA TYR B 150 -16.20 -9.06 -8.80
C TYR B 150 -16.86 -10.39 -9.16
N SER B 151 -18.19 -10.41 -9.21
CA SER B 151 -18.89 -11.61 -9.61
C SER B 151 -18.76 -11.85 -11.10
N ARG B 152 -19.13 -13.05 -11.53
CA ARG B 152 -19.08 -13.41 -12.95
C ARG B 152 -19.97 -12.45 -13.76
N GLU B 153 -21.18 -12.20 -13.28
CA GLU B 153 -22.11 -11.30 -14.00
C GLU B 153 -21.64 -9.86 -13.97
N GLU B 154 -20.99 -9.45 -12.89
CA GLU B 154 -20.39 -8.11 -12.84
C GLU B 154 -19.28 -7.97 -13.87
N MSE B 155 -18.39 -8.94 -13.96
N MSE B 155 -18.39 -8.95 -13.92
CA MSE B 155 -17.30 -8.86 -14.94
CA MSE B 155 -17.27 -8.96 -14.89
C MSE B 155 -17.80 -8.91 -16.37
C MSE B 155 -17.80 -8.92 -16.34
O MSE B 155 -17.24 -8.26 -17.26
O MSE B 155 -17.24 -8.23 -17.19
CB MSE B 155 -16.24 -9.94 -14.70
CB MSE B 155 -16.37 -10.21 -14.70
CG MSE B 155 -15.32 -9.66 -13.53
CG MSE B 155 -15.41 -10.15 -13.48
SE MSE B 155 -14.82 -7.77 -13.45
SE MSE B 155 -13.94 -11.48 -13.52
CE MSE B 155 -14.25 -7.51 -15.25
CE MSE B 155 -13.25 -11.06 -15.29
N LYS B 156 -18.86 -9.67 -16.60
CA LYS B 156 -19.50 -9.74 -17.94
C LYS B 156 -20.05 -8.38 -18.34
N LEU B 157 -20.77 -7.76 -17.41
CA LEU B 157 -21.33 -6.42 -17.63
C LEU B 157 -20.20 -5.42 -17.91
N LEU B 158 -19.20 -5.41 -17.04
CA LEU B 158 -18.08 -4.49 -17.20
C LEU B 158 -17.36 -4.71 -18.54
N ASN B 159 -17.17 -5.98 -18.90
CA ASN B 159 -16.53 -6.28 -20.16
C ASN B 159 -17.32 -5.77 -21.38
N VAL B 160 -18.65 -5.80 -21.32
CA VAL B 160 -19.45 -5.28 -22.42
C VAL B 160 -19.27 -3.76 -22.54
N LEU B 161 -19.31 -3.04 -21.43
CA LEU B 161 -19.01 -1.61 -21.43
C LEU B 161 -17.61 -1.30 -22.00
N TYR B 162 -16.64 -2.13 -21.65
CA TYR B 162 -15.28 -2.00 -22.13
C TYR B 162 -15.24 -2.13 -23.66
N GLU B 163 -15.78 -3.23 -24.17
CA GLU B 163 -15.66 -3.56 -25.60
C GLU B 163 -16.45 -2.63 -26.52
N THR B 164 -17.53 -2.04 -25.97
CA THR B 164 -18.37 -1.11 -26.72
C THR B 164 -17.95 0.35 -26.51
N LYS B 165 -17.01 0.59 -25.59
CA LYS B 165 -16.68 1.95 -25.17
C LYS B 165 -17.94 2.68 -24.68
N GLY B 166 -18.84 1.92 -24.07
CA GLY B 166 -20.08 2.46 -23.52
C GLY B 166 -21.27 2.14 -24.39
N THR B 167 -22.41 1.98 -23.75
CA THR B 167 -23.66 1.82 -24.48
C THR B 167 -24.86 2.09 -23.58
N GLY B 168 -26.02 2.34 -24.20
CA GLY B 168 -27.23 2.67 -23.47
C GLY B 168 -27.84 1.47 -22.79
N ILE B 169 -28.69 1.74 -21.79
CA ILE B 169 -29.32 0.71 -20.97
C ILE B 169 -30.08 -0.31 -21.81
N THR B 170 -30.90 0.17 -22.73
CA THR B 170 -31.72 -0.71 -23.55
C THR B 170 -30.85 -1.74 -24.27
N GLU B 171 -29.77 -1.26 -24.89
CA GLU B 171 -28.86 -2.10 -25.69
C GLU B 171 -28.09 -3.06 -24.80
N LEU B 172 -27.60 -2.53 -23.67
CA LEU B 172 -26.86 -3.32 -22.68
C LEU B 172 -27.71 -4.43 -22.07
N ALA B 173 -28.99 -4.15 -21.81
CA ALA B 173 -29.90 -5.16 -21.25
C ALA B 173 -30.13 -6.32 -22.21
N LYS B 174 -30.20 -6.01 -23.50
CA LYS B 174 -30.43 -7.02 -24.53
C LYS B 174 -29.22 -7.94 -24.71
N MSE B 175 -28.03 -7.37 -24.65
CA MSE B 175 -26.78 -8.12 -24.77
C MSE B 175 -26.49 -9.02 -23.58
O MSE B 175 -25.84 -10.05 -23.72
CB MSE B 175 -25.59 -7.16 -24.96
CG MSE B 175 -25.55 -6.47 -26.30
SE MSE B 175 -23.95 -5.37 -26.55
CE MSE B 175 -24.59 -3.68 -25.81
N LEU B 176 -26.96 -8.62 -22.40
CA LEU B 176 -26.71 -9.38 -21.16
C LEU B 176 -27.86 -10.34 -20.81
N ASP B 177 -28.91 -10.34 -21.62
CA ASP B 177 -30.10 -11.13 -21.33
C ASP B 177 -30.63 -10.77 -19.92
N LYS B 178 -30.78 -9.48 -19.68
CA LYS B 178 -31.32 -8.96 -18.42
C LYS B 178 -32.37 -7.90 -18.73
N SER B 179 -33.29 -7.70 -17.80
CA SER B 179 -34.31 -6.67 -17.96
C SER B 179 -33.73 -5.29 -17.68
N GLU B 180 -34.33 -4.26 -18.28
CA GLU B 180 -33.83 -2.89 -18.06
C GLU B 180 -33.92 -2.52 -16.57
N LYS B 181 -34.97 -2.97 -15.89
CA LYS B 181 -35.12 -2.70 -14.46
C LYS B 181 -33.91 -3.25 -13.72
N THR B 182 -33.60 -4.52 -13.98
CA THR B 182 -32.46 -5.18 -13.32
C THR B 182 -31.18 -4.43 -13.60
N LEU B 183 -30.95 -4.09 -14.86
CA LEU B 183 -29.71 -3.38 -15.23
C LEU B 183 -29.62 -1.99 -14.59
N ILE B 184 -30.70 -1.21 -14.64
CA ILE B 184 -30.73 0.12 -14.01
C ILE B 184 -30.32 0.09 -12.54
N ASN B 185 -30.83 -0.89 -11.79
CA ASN B 185 -30.46 -1.00 -10.37
C ASN B 185 -28.99 -1.34 -10.22
N LYS B 186 -28.49 -2.27 -11.04
CA LYS B 186 -27.09 -2.68 -10.97
C LYS B 186 -26.17 -1.55 -11.40
N ILE B 187 -26.52 -0.84 -12.46
CA ILE B 187 -25.75 0.34 -12.87
C ILE B 187 -25.72 1.39 -11.75
N ALA B 188 -26.86 1.61 -11.08
CA ALA B 188 -26.90 2.52 -9.93
C ALA B 188 -25.85 2.15 -8.86
N GLU B 189 -25.76 0.86 -8.55
CA GLU B 189 -24.84 0.33 -7.56
C GLU B 189 -23.38 0.56 -7.96
N LEU B 190 -23.04 0.17 -9.19
CA LEU B 190 -21.66 0.28 -9.66
C LEU B 190 -21.24 1.73 -9.85
N LYS B 191 -22.19 2.61 -10.15
CA LYS B 191 -21.94 4.05 -10.24
C LYS B 191 -21.47 4.58 -8.87
N LYS B 192 -22.10 4.10 -7.81
CA LYS B 192 -21.72 4.47 -6.45
C LYS B 192 -20.39 3.84 -6.07
N PHE B 193 -20.08 2.70 -6.66
CA PHE B 193 -18.76 2.08 -6.45
C PHE B 193 -17.63 2.85 -7.14
N GLY B 194 -17.99 3.73 -8.08
CA GLY B 194 -17.06 4.71 -8.65
C GLY B 194 -16.38 4.32 -9.95
N ILE B 195 -16.89 3.26 -10.58
CA ILE B 195 -16.20 2.67 -11.74
C ILE B 195 -16.91 2.92 -13.07
N LEU B 196 -18.07 3.57 -13.05
CA LEU B 196 -18.74 3.91 -14.28
C LEU B 196 -19.61 5.17 -14.12
N THR B 197 -19.99 5.74 -15.25
CA THR B 197 -20.82 6.94 -15.30
C THR B 197 -21.95 6.73 -16.30
N GLN B 198 -22.95 7.61 -16.27
CA GLN B 198 -23.96 7.67 -17.34
C GLN B 198 -24.67 9.01 -17.38
N LYS B 204 -26.42 6.48 -21.83
CA LYS B 204 -25.17 5.79 -22.19
C LYS B 204 -24.31 5.57 -20.96
N VAL B 205 -24.00 4.30 -20.70
CA VAL B 205 -23.25 3.91 -19.53
C VAL B 205 -21.83 3.68 -19.99
N GLU B 206 -20.85 4.23 -19.27
CA GLU B 206 -19.45 4.17 -19.67
C GLU B 206 -18.51 3.92 -18.50
N LEU B 207 -17.48 3.10 -18.70
CA LEU B 207 -16.43 2.95 -17.67
C LEU B 207 -15.63 4.22 -17.61
N ASN B 208 -15.14 4.55 -16.42
CA ASN B 208 -14.17 5.63 -16.27
C ASN B 208 -12.78 5.01 -16.14
N GLU B 209 -11.76 5.82 -15.89
CA GLU B 209 -10.40 5.26 -15.88
C GLU B 209 -10.22 4.27 -14.75
N LEU B 210 -10.94 4.45 -13.64
CA LEU B 210 -10.88 3.47 -12.54
C LEU B 210 -11.48 2.16 -13.02
N GLY B 211 -12.65 2.21 -13.65
CA GLY B 211 -13.24 1.02 -14.25
C GLY B 211 -12.32 0.31 -15.26
N LEU B 212 -11.57 1.07 -16.04
CA LEU B 212 -10.65 0.49 -17.01
C LEU B 212 -9.53 -0.28 -16.30
N ASN B 213 -9.11 0.19 -15.13
CA ASN B 213 -8.12 -0.55 -14.34
C ASN B 213 -8.70 -1.82 -13.74
N VAL B 214 -9.98 -1.76 -13.37
CA VAL B 214 -10.68 -2.96 -12.93
C VAL B 214 -10.71 -4.02 -14.04
N ILE B 215 -11.01 -3.61 -15.27
CA ILE B 215 -10.99 -4.51 -16.43
C ILE B 215 -9.64 -5.19 -16.57
N LYS B 216 -8.58 -4.39 -16.48
CA LYS B 216 -7.21 -4.91 -16.57
C LYS B 216 -6.94 -5.98 -15.49
N LEU B 217 -7.33 -5.72 -14.25
CA LEU B 217 -7.10 -6.69 -13.18
C LEU B 217 -7.95 -7.95 -13.37
N ASN B 218 -9.14 -7.78 -13.90
CA ASN B 218 -10.03 -8.91 -14.01
C ASN B 218 -9.71 -9.79 -15.21
N LYS B 219 -9.07 -9.20 -16.22
CA LYS B 219 -8.44 -10.01 -17.25
C LYS B 219 -7.40 -10.92 -16.59
N SER B 220 -6.59 -10.35 -15.68
CA SER B 220 -5.55 -11.14 -15.02
C SER B 220 -6.16 -12.31 -14.26
N VAL B 221 -7.27 -12.06 -13.56
CA VAL B 221 -7.97 -13.13 -12.82
C VAL B 221 -8.46 -14.23 -13.78
N ILE B 222 -9.04 -13.82 -14.90
CA ILE B 222 -9.49 -14.76 -15.92
C ILE B 222 -8.29 -15.53 -16.48
C1 PEG C . 14.11 12.17 -0.69
O1 PEG C . 13.71 10.88 -0.25
C2 PEG C . 13.39 12.68 -1.94
O2 PEG C . 12.11 12.11 -2.14
#